data_2A8T
#
_entry.id   2A8T
#
_cell.length_a   50.702
_cell.length_b   81.710
_cell.length_c   111.706
_cell.angle_alpha   90.00
_cell.angle_beta   90.00
_cell.angle_gamma   90.00
#
_symmetry.space_group_name_H-M   'P 21 21 21'
#
loop_
_entity.id
_entity.type
_entity.pdbx_description
1 polymer 'U8 snoRNA-binding protein X29'
2 non-polymer 'MANGANESE (II) ION'
3 non-polymer "7N-METHYL-8-HYDROGUANOSINE-5'-TRIPHOSPHATE"
4 non-polymer ADENOSINE
5 water water
#
_entity_poly.entity_id   1
_entity_poly.type   'polypeptide(L)'
_entity_poly.pdbx_seq_one_letter_code
;MAESRSPDRGAKEDKPRPRNISREESLQLEGYKHACHALLHAPSQAKLFDRVPIRRVLLMMMRFDGRLGFPGGFVDTRDI
SLEEGLKRELEEELGPALATVEVTEDDYRSSQVREHPQKCVTHFYIKELKLEEIERIEAEAVNAKDHGLEVMGLIRVPLY
TLRDRVGGLPAFLCNNFIGNSKSQLLYALRSLKLLREDQIQEVLKASHRLQY
;
_entity_poly.pdbx_strand_id   A,B
#
# COMPACT_ATOMS: atom_id res chain seq x y z
N PRO A 18 -20.47 -13.37 2.90
CA PRO A 18 -19.54 -14.52 3.11
C PRO A 18 -20.10 -15.50 4.14
N ARG A 19 -19.81 -16.78 3.94
CA ARG A 19 -20.11 -17.84 4.90
C ARG A 19 -19.02 -18.93 4.85
N ASN A 20 -18.68 -19.44 6.03
CA ASN A 20 -17.68 -20.51 6.15
C ASN A 20 -18.15 -21.83 5.50
N ILE A 21 -17.24 -22.48 4.77
CA ILE A 21 -17.53 -23.72 4.06
C ILE A 21 -16.28 -24.62 3.96
N SER A 22 -16.49 -25.93 4.02
CA SER A 22 -15.44 -26.93 3.81
C SER A 22 -14.89 -26.89 2.38
N ARG A 23 -13.62 -27.25 2.23
CA ARG A 23 -12.99 -27.37 0.91
C ARG A 23 -13.68 -28.45 0.07
N GLU A 24 -13.90 -29.61 0.68
CA GLU A 24 -14.55 -30.74 0.01
C GLU A 24 -15.96 -30.37 -0.48
N GLU A 25 -16.69 -29.61 0.37
CA GLU A 25 -18.05 -29.19 0.03
C GLU A 25 -18.08 -28.16 -1.10
N SER A 26 -17.07 -27.28 -1.12
CA SER A 26 -17.04 -26.14 -2.04
C SER A 26 -16.79 -26.52 -3.51
N LEU A 27 -15.94 -27.53 -3.72
CA LEU A 27 -15.59 -27.96 -5.08
C LEU A 27 -16.72 -28.72 -5.79
N GLN A 28 -17.64 -29.27 -5.00
CA GLN A 28 -18.83 -29.96 -5.55
C GLN A 28 -20.00 -29.00 -5.82
N LEU A 29 -19.80 -27.72 -5.54
CA LEU A 29 -20.83 -26.70 -5.75
C LEU A 29 -20.69 -26.05 -7.12
N GLU A 30 -21.41 -26.59 -8.10
CA GLU A 30 -21.37 -26.13 -9.48
C GLU A 30 -21.97 -24.72 -9.66
N GLY A 31 -21.45 -23.99 -10.64
CA GLY A 31 -21.91 -22.63 -10.93
C GLY A 31 -21.14 -21.55 -10.17
N TYR A 32 -20.40 -21.96 -9.15
CA TYR A 32 -19.61 -21.03 -8.36
C TYR A 32 -18.25 -20.82 -9.01
N LYS A 33 -17.69 -19.62 -8.85
CA LYS A 33 -16.33 -19.34 -9.27
C LYS A 33 -15.39 -19.50 -8.08
N HIS A 34 -14.14 -19.89 -8.35
CA HIS A 34 -13.17 -20.16 -7.30
C HIS A 34 -11.97 -19.23 -7.40
N ALA A 35 -11.56 -18.68 -6.25
CA ALA A 35 -10.33 -17.89 -6.15
C ALA A 35 -9.50 -18.36 -4.97
N CYS A 36 -8.19 -18.23 -5.09
CA CYS A 36 -7.27 -18.66 -4.05
C CYS A 36 -6.33 -17.52 -3.74
N HIS A 37 -6.18 -17.20 -2.46
CA HIS A 37 -5.25 -16.15 -2.01
C HIS A 37 -4.39 -16.62 -0.85
N ALA A 38 -3.21 -16.03 -0.71
CA ALA A 38 -2.20 -16.53 0.22
C ALA A 38 -1.52 -15.44 1.02
N LEU A 39 -1.36 -15.70 2.31
CA LEU A 39 -0.51 -14.89 3.15
C LEU A 39 0.84 -15.57 3.20
N LEU A 40 1.84 -14.89 2.64
CA LEU A 40 3.21 -15.33 2.75
C LEU A 40 3.83 -14.52 3.87
N HIS A 41 4.55 -15.19 4.77
CA HIS A 41 5.09 -14.50 5.95
C HIS A 41 6.41 -15.10 6.45
N ALA A 42 7.15 -14.31 7.23
CA ALA A 42 8.43 -14.75 7.78
C ALA A 42 8.69 -14.03 9.11
N PRO A 43 9.36 -14.70 10.06
CA PRO A 43 9.66 -14.08 11.35
C PRO A 43 10.70 -12.98 11.20
N SER A 44 10.69 -12.00 12.09
CA SER A 44 11.65 -10.91 12.03
C SER A 44 12.10 -10.45 13.39
N GLN A 45 13.40 -10.15 13.49
CA GLN A 45 14.01 -9.64 14.72
C GLN A 45 14.12 -8.12 14.71
N ALA A 46 13.58 -7.47 13.68
CA ALA A 46 13.71 -6.01 13.54
C ALA A 46 12.86 -5.26 14.56
N LYS A 47 13.35 -4.10 14.98
CA LYS A 47 12.62 -3.22 15.88
C LYS A 47 12.42 -1.85 15.22
N LEU A 48 11.17 -1.42 15.13
CA LEU A 48 10.83 -0.07 14.71
C LEU A 48 11.30 0.94 15.77
N PHE A 49 12.05 1.94 15.33
CA PHE A 49 12.68 2.92 16.22
C PHE A 49 13.52 2.25 17.31
N ASP A 50 14.12 1.11 16.98
CA ASP A 50 14.91 0.28 17.92
C ASP A 50 14.14 -0.06 19.19
N ARG A 51 12.82 -0.10 19.09
CA ARG A 51 11.97 -0.20 20.28
C ARG A 51 10.78 -1.14 20.06
N VAL A 52 10.06 -0.93 18.97
CA VAL A 52 8.83 -1.68 18.69
C VAL A 52 9.13 -2.88 17.78
N PRO A 53 9.11 -4.11 18.33
CA PRO A 53 9.41 -5.29 17.51
C PRO A 53 8.46 -5.46 16.34
N ILE A 54 9.01 -5.68 15.15
CA ILE A 54 8.24 -6.01 13.95
C ILE A 54 7.54 -7.36 14.09
N ARG A 55 8.21 -8.30 14.78
CA ARG A 55 7.73 -9.67 15.05
C ARG A 55 7.69 -10.55 13.81
N ARG A 56 6.96 -10.10 12.79
CA ARG A 56 6.75 -10.92 11.61
C ARG A 56 6.44 -10.04 10.42
N VAL A 57 6.95 -10.45 9.25
CA VAL A 57 6.65 -9.77 7.99
C VAL A 57 5.50 -10.51 7.29
N LEU A 58 4.39 -9.81 7.10
CA LEU A 58 3.18 -10.35 6.44
C LEU A 58 2.94 -9.57 5.17
N LEU A 59 2.86 -10.27 4.03
CA LEU A 59 2.70 -9.56 2.73
C LEU A 59 1.23 -9.36 2.31
N MET A 60 0.89 -8.12 2.00
CA MET A 60 -0.35 -7.80 1.28
C MET A 60 0.03 -6.93 0.10
N MET A 61 -0.96 -6.42 -0.64
CA MET A 61 -0.68 -5.60 -1.81
C MET A 61 -1.73 -4.53 -1.98
N MET A 62 -1.35 -3.45 -2.67
CA MET A 62 -2.33 -2.50 -3.18
C MET A 62 -2.73 -3.03 -4.56
N ARG A 63 -4.03 -3.20 -4.78
CA ARG A 63 -4.55 -3.72 -6.03
C ARG A 63 -4.86 -2.62 -7.08
N PHE A 64 -4.94 -3.01 -8.35
CA PHE A 64 -5.41 -2.13 -9.43
C PHE A 64 -6.71 -1.40 -9.07
N ASP A 65 -7.48 -1.96 -8.17
CA ASP A 65 -8.78 -1.38 -7.85
C ASP A 65 -8.76 -0.44 -6.64
N GLY A 66 -7.58 -0.17 -6.08
CA GLY A 66 -7.47 0.79 -4.99
C GLY A 66 -7.76 0.20 -3.63
N ARG A 67 -7.91 -1.12 -3.59
CA ARG A 67 -8.13 -1.84 -2.34
C ARG A 67 -6.91 -2.67 -1.99
N LEU A 68 -6.79 -2.96 -0.70
CA LEU A 68 -5.74 -3.85 -0.20
C LEU A 68 -6.23 -5.30 -0.31
N GLY A 69 -5.31 -6.22 -0.60
CA GLY A 69 -5.65 -7.64 -0.66
C GLY A 69 -4.41 -8.52 -0.57
N PHE A 70 -4.64 -9.83 -0.57
CA PHE A 70 -3.57 -10.83 -0.62
C PHE A 70 -3.28 -11.24 -2.06
N PRO A 71 -2.03 -11.64 -2.39
CA PRO A 71 -1.78 -12.12 -3.74
C PRO A 71 -2.55 -13.40 -4.08
N GLY A 72 -2.80 -13.62 -5.37
CA GLY A 72 -3.61 -14.75 -5.83
C GLY A 72 -4.77 -14.29 -6.71
N GLY A 73 -5.75 -15.17 -6.93
CA GLY A 73 -6.91 -14.79 -7.73
C GLY A 73 -7.71 -15.97 -8.23
N PHE A 74 -8.49 -15.75 -9.28
CA PHE A 74 -9.35 -16.78 -9.85
C PHE A 74 -8.59 -18.03 -10.26
N VAL A 75 -9.13 -19.18 -9.87
CA VAL A 75 -8.57 -20.48 -10.20
C VAL A 75 -9.66 -21.33 -10.83
N ASP A 76 -9.42 -21.76 -12.07
CA ASP A 76 -10.36 -22.66 -12.75
C ASP A 76 -10.23 -24.06 -12.16
N THR A 77 -11.34 -24.57 -11.63
CA THR A 77 -11.34 -25.85 -10.91
C THR A 77 -11.32 -27.05 -11.86
N ARG A 78 -11.89 -26.88 -13.05
CA ARG A 78 -11.85 -27.90 -14.10
C ARG A 78 -10.46 -27.97 -14.75
N ASP A 79 -9.72 -26.86 -14.67
CA ASP A 79 -8.33 -26.74 -15.12
C ASP A 79 -7.43 -27.67 -14.30
N ILE A 80 -6.96 -27.18 -13.16
CA ILE A 80 -6.11 -27.96 -12.26
C ILE A 80 -6.52 -27.73 -10.79
N SER A 81 -5.68 -28.21 -9.88
CA SER A 81 -5.92 -28.10 -8.44
C SER A 81 -5.95 -26.65 -7.96
N LEU A 82 -6.55 -26.43 -6.80
CA LEU A 82 -6.58 -25.11 -6.17
C LEU A 82 -5.16 -24.62 -5.84
N GLU A 83 -4.27 -25.58 -5.59
CA GLU A 83 -2.86 -25.31 -5.35
C GLU A 83 -2.17 -24.82 -6.62
N GLU A 84 -2.47 -25.49 -7.74
CA GLU A 84 -1.86 -25.14 -9.02
C GLU A 84 -2.31 -23.75 -9.48
N GLY A 85 -3.62 -23.50 -9.42
CA GLY A 85 -4.19 -22.21 -9.80
C GLY A 85 -3.68 -21.07 -8.94
N LEU A 86 -3.34 -21.38 -7.69
CA LEU A 86 -2.74 -20.39 -6.80
C LEU A 86 -1.30 -20.09 -7.20
N LYS A 87 -0.53 -21.14 -7.45
CA LYS A 87 0.89 -21.02 -7.79
C LYS A 87 1.14 -20.18 -9.04
N ARG A 88 0.27 -20.32 -10.05
CA ARG A 88 0.40 -19.54 -11.29
C ARG A 88 0.03 -18.07 -11.06
N GLU A 89 -0.94 -17.82 -10.18
CA GLU A 89 -1.36 -16.45 -9.88
C GLU A 89 -0.28 -15.75 -9.05
N LEU A 90 0.28 -16.45 -8.08
CA LEU A 90 1.42 -15.98 -7.29
C LEU A 90 2.62 -15.56 -8.14
N GLU A 91 2.99 -16.41 -9.09
CA GLU A 91 4.09 -16.06 -10.00
C GLU A 91 3.73 -14.85 -10.87
N GLU A 92 2.47 -14.81 -11.29
CA GLU A 92 1.95 -13.72 -12.12
C GLU A 92 1.99 -12.39 -11.38
N GLU A 93 1.56 -12.43 -10.12
CA GLU A 93 1.38 -11.22 -9.31
C GLU A 93 2.63 -10.84 -8.54
N LEU A 94 3.34 -11.83 -8.01
CA LEU A 94 4.51 -11.60 -7.16
C LEU A 94 5.82 -11.70 -7.94
N GLY A 95 5.82 -12.49 -9.01
CA GLY A 95 6.99 -12.56 -9.88
C GLY A 95 7.65 -13.92 -9.97
N PRO A 96 8.82 -13.97 -10.62
CA PRO A 96 9.50 -15.23 -10.96
C PRO A 96 10.13 -15.92 -9.74
N ALA A 97 10.33 -15.17 -8.66
CA ALA A 97 10.83 -15.71 -7.41
C ALA A 97 9.95 -16.85 -6.91
N LEU A 98 8.66 -16.77 -7.23
CA LEU A 98 7.66 -17.71 -6.73
C LEU A 98 7.75 -19.12 -7.30
N ALA A 99 8.32 -19.24 -8.50
CA ALA A 99 8.50 -20.55 -9.14
C ALA A 99 9.15 -21.54 -8.16
N THR A 100 10.09 -21.04 -7.37
CA THR A 100 10.82 -21.84 -6.38
C THR A 100 10.02 -22.11 -5.09
N VAL A 101 9.04 -21.27 -4.79
CA VAL A 101 8.24 -21.40 -3.58
C VAL A 101 7.28 -22.59 -3.67
N GLU A 102 7.40 -23.49 -2.71
CA GLU A 102 6.69 -24.78 -2.71
C GLU A 102 5.19 -24.66 -2.94
N VAL A 103 4.44 -24.28 -1.89
CA VAL A 103 2.97 -24.23 -1.90
C VAL A 103 2.32 -25.62 -2.02
N THR A 104 1.44 -25.94 -1.08
CA THR A 104 0.83 -27.26 -1.00
C THR A 104 -0.55 -27.22 -0.34
N GLU A 105 -1.24 -28.37 -0.33
CA GLU A 105 -2.51 -28.52 0.38
C GLU A 105 -2.33 -28.33 1.88
N ASP A 106 -1.10 -28.56 2.36
CA ASP A 106 -0.75 -28.35 3.77
C ASP A 106 -0.74 -26.87 4.14
N ASP A 107 -0.73 -26.00 3.13
CA ASP A 107 -0.80 -24.56 3.33
C ASP A 107 -2.23 -24.03 3.22
N TYR A 108 -3.17 -24.89 2.84
CA TYR A 108 -4.58 -24.51 2.81
C TYR A 108 -5.07 -24.22 4.23
N ARG A 109 -5.95 -23.23 4.36
CA ARG A 109 -6.48 -22.85 5.68
C ARG A 109 -8.01 -22.85 5.79
N SER A 110 -8.68 -22.11 4.93
CA SER A 110 -10.14 -21.96 5.02
C SER A 110 -10.78 -21.59 3.67
N SER A 111 -12.07 -21.89 3.56
CA SER A 111 -12.87 -21.51 2.40
C SER A 111 -14.11 -20.74 2.84
N GLN A 112 -14.42 -19.67 2.11
CA GLN A 112 -15.64 -18.90 2.35
C GLN A 112 -16.48 -18.85 1.09
N VAL A 113 -17.80 -18.96 1.24
CA VAL A 113 -18.73 -18.89 0.12
C VAL A 113 -19.65 -17.69 0.25
N ARG A 114 -19.97 -17.05 -0.87
CA ARG A 114 -20.96 -15.97 -0.88
C ARG A 114 -21.80 -16.00 -2.15
N GLU A 115 -22.99 -15.41 -2.07
CA GLU A 115 -23.91 -15.38 -3.20
C GLU A 115 -24.01 -13.98 -3.78
N HIS A 116 -24.20 -12.99 -2.91
CA HIS A 116 -24.42 -11.61 -3.32
C HIS A 116 -23.22 -11.04 -4.06
N PRO A 117 -23.48 -10.52 -5.26
CA PRO A 117 -22.45 -10.01 -6.18
C PRO A 117 -21.56 -11.13 -6.72
N GLN A 118 -22.17 -12.03 -7.48
CA GLN A 118 -21.52 -13.21 -8.08
C GLN A 118 -21.28 -14.35 -7.07
N LYS A 119 -21.58 -15.57 -7.51
CA LYS A 119 -21.34 -16.76 -6.71
C LYS A 119 -19.84 -17.04 -6.66
N CYS A 120 -19.24 -16.88 -5.48
CA CYS A 120 -17.80 -16.93 -5.32
C CYS A 120 -17.37 -17.73 -4.08
N VAL A 121 -16.50 -18.71 -4.29
CA VAL A 121 -15.81 -19.37 -3.18
C VAL A 121 -14.36 -18.86 -3.16
N THR A 122 -13.92 -18.44 -1.98
CA THR A 122 -12.54 -18.01 -1.80
C THR A 122 -11.81 -18.93 -0.83
N HIS A 123 -10.62 -19.39 -1.25
CA HIS A 123 -9.78 -20.24 -0.42
C HIS A 123 -8.58 -19.45 0.07
N PHE A 124 -8.29 -19.57 1.37
CA PHE A 124 -7.19 -18.83 1.99
C PHE A 124 -6.05 -19.76 2.37
N TYR A 125 -4.83 -19.33 2.04
CA TYR A 125 -3.61 -20.13 2.24
C TYR A 125 -2.62 -19.35 3.13
N ILE A 126 -2.01 -20.03 4.10
CA ILE A 126 -0.97 -19.38 4.91
C ILE A 126 0.33 -20.17 4.83
N LYS A 127 1.38 -19.54 4.29
CA LYS A 127 2.67 -20.18 4.17
C LYS A 127 3.78 -19.36 4.84
N GLU A 128 4.53 -20.01 5.73
CA GLU A 128 5.68 -19.40 6.38
C GLU A 128 6.91 -19.61 5.51
N LEU A 129 7.62 -18.52 5.25
CA LEU A 129 8.87 -18.58 4.50
C LEU A 129 10.02 -18.07 5.38
N LYS A 130 11.25 -18.18 4.88
CA LYS A 130 12.39 -17.53 5.52
C LYS A 130 12.34 -16.04 5.21
N LEU A 131 12.95 -15.23 6.07
CA LEU A 131 12.91 -13.77 5.88
C LEU A 131 13.61 -13.36 4.60
N GLU A 132 14.69 -14.09 4.27
CA GLU A 132 15.43 -13.89 3.02
C GLU A 132 14.53 -14.10 1.80
N GLU A 133 13.71 -15.15 1.83
CA GLU A 133 12.79 -15.49 0.76
C GLU A 133 11.76 -14.38 0.53
N ILE A 134 11.16 -13.89 1.62
CA ILE A 134 10.26 -12.75 1.58
C ILE A 134 10.97 -11.50 1.05
N GLU A 135 12.20 -11.27 1.51
CA GLU A 135 12.97 -10.11 1.06
C GLU A 135 13.24 -10.18 -0.45
N ARG A 136 13.69 -11.36 -0.92
CA ARG A 136 13.88 -11.62 -2.34
C ARG A 136 12.59 -11.42 -3.15
N ILE A 137 11.46 -11.86 -2.58
CA ILE A 137 10.16 -11.69 -3.23
C ILE A 137 9.82 -10.20 -3.43
N GLU A 138 9.89 -9.42 -2.36
CA GLU A 138 9.70 -7.96 -2.44
C GLU A 138 10.65 -7.31 -3.45
N ALA A 139 11.90 -7.80 -3.50
CA ALA A 139 12.95 -7.24 -4.37
C ALA A 139 12.77 -7.56 -5.85
N GLU A 140 12.12 -8.66 -6.17
CA GLU A 140 11.86 -9.02 -7.55
C GLU A 140 10.39 -8.78 -7.91
N ALA A 141 9.59 -8.29 -6.97
CA ALA A 141 8.18 -8.02 -7.27
C ALA A 141 8.03 -7.07 -8.46
N VAL A 142 8.97 -6.14 -8.59
CA VAL A 142 8.94 -5.15 -9.67
C VAL A 142 9.00 -5.81 -11.06
N ASN A 143 9.44 -7.06 -11.06
CA ASN A 143 9.65 -7.84 -12.28
C ASN A 143 8.43 -8.69 -12.65
N ALA A 144 7.44 -8.73 -11.77
CA ALA A 144 6.22 -9.54 -11.97
C ALA A 144 5.39 -9.06 -13.15
N LYS A 145 4.89 -10.00 -13.96
CA LYS A 145 4.01 -9.68 -15.08
C LYS A 145 2.97 -8.62 -14.72
N ASP A 146 2.47 -8.66 -13.49
CA ASP A 146 1.41 -7.74 -13.07
C ASP A 146 1.85 -6.53 -12.22
N HIS A 147 3.14 -6.23 -12.16
CA HIS A 147 3.57 -5.02 -11.47
C HIS A 147 3.09 -3.77 -12.21
N GLY A 148 2.39 -2.87 -11.52
CA GLY A 148 1.94 -1.65 -12.17
C GLY A 148 0.71 -1.88 -13.02
N LEU A 149 0.08 -3.05 -12.84
CA LEU A 149 -1.16 -3.38 -13.52
C LEU A 149 -2.13 -3.88 -12.48
N GLU A 150 -2.26 -5.20 -12.33
CA GLU A 150 -3.09 -5.76 -11.27
C GLU A 150 -2.49 -5.43 -9.91
N VAL A 151 -1.16 -5.45 -9.83
CA VAL A 151 -0.50 -5.23 -8.55
C VAL A 151 0.11 -3.83 -8.52
N MET A 152 -0.37 -2.98 -7.63
CA MET A 152 0.17 -1.62 -7.56
C MET A 152 1.34 -1.42 -6.58
N GLY A 153 1.64 -2.46 -5.82
CA GLY A 153 2.81 -2.49 -4.93
C GLY A 153 2.59 -3.43 -3.76
N LEU A 154 3.66 -4.03 -3.26
CA LEU A 154 3.54 -4.89 -2.07
C LEU A 154 3.66 -4.04 -0.80
N ILE A 155 3.02 -4.47 0.26
CA ILE A 155 3.17 -3.78 1.53
C ILE A 155 3.35 -4.82 2.62
N ARG A 156 3.99 -4.42 3.73
CA ARG A 156 4.08 -5.27 4.92
C ARG A 156 2.98 -4.79 5.88
N VAL A 157 2.42 -5.69 6.67
CA VAL A 157 1.34 -5.37 7.61
C VAL A 157 1.92 -4.99 8.98
N PRO A 158 1.65 -3.76 9.48
CA PRO A 158 2.06 -3.44 10.84
C PRO A 158 1.30 -4.28 11.88
N LEU A 159 2.02 -5.01 12.73
CA LEU A 159 1.39 -5.88 13.74
C LEU A 159 1.31 -5.22 15.12
N TYR A 160 2.07 -4.15 15.30
CA TYR A 160 2.19 -3.49 16.58
C TYR A 160 1.16 -2.37 16.65
N THR A 161 0.92 -1.88 17.86
CA THR A 161 0.10 -0.70 18.08
C THR A 161 0.98 0.33 18.78
N LEU A 162 1.07 1.52 18.17
CA LEU A 162 1.89 2.62 18.71
C LEU A 162 1.31 3.21 19.99
N ARG A 163 2.06 4.11 20.64
CA ARG A 163 1.66 4.66 21.95
C ARG A 163 0.29 5.35 21.94
N ASP A 164 -0.01 6.07 20.85
CA ASP A 164 -1.32 6.72 20.70
C ASP A 164 -2.50 5.73 20.68
N ARG A 165 -2.18 4.43 20.64
CA ARG A 165 -3.16 3.33 20.69
C ARG A 165 -3.99 3.20 19.41
N VAL A 166 -3.50 3.78 18.32
CA VAL A 166 -4.21 3.77 17.02
C VAL A 166 -3.24 3.48 15.88
N GLY A 167 -2.07 4.09 15.94
CA GLY A 167 -1.07 3.93 14.88
C GLY A 167 -0.55 2.52 14.84
N GLY A 168 -0.24 2.04 13.64
CA GLY A 168 0.16 0.66 13.44
C GLY A 168 -1.01 -0.16 12.93
N LEU A 169 -1.32 -1.26 13.61
CA LEU A 169 -2.38 -2.16 13.17
C LEU A 169 -3.80 -1.58 13.20
N PRO A 170 -4.21 -0.91 14.31
CA PRO A 170 -5.56 -0.34 14.26
C PRO A 170 -5.79 0.62 13.08
N ALA A 171 -4.83 1.51 12.78
CA ALA A 171 -4.96 2.46 11.67
C ALA A 171 -4.95 1.74 10.34
N PHE A 172 -4.16 0.67 10.27
CA PHE A 172 -4.00 -0.12 9.05
C PHE A 172 -5.30 -0.80 8.63
N LEU A 173 -6.10 -1.16 9.61
CA LEU A 173 -7.36 -1.87 9.41
C LEU A 173 -8.50 -0.92 8.99
N CYS A 174 -8.20 0.37 8.98
CA CYS A 174 -9.09 1.39 8.46
C CYS A 174 -8.86 1.57 6.95
N ASN A 175 -7.91 0.84 6.36
CA ASN A 175 -7.78 0.94 4.90
C ASN A 175 -8.91 0.23 4.15
N ASN A 176 -8.93 0.37 2.82
CA ASN A 176 -9.96 -0.24 1.98
C ASN A 176 -9.56 -1.66 1.56
N PHE A 177 -10.26 -2.64 2.09
CA PHE A 177 -9.91 -4.05 1.84
C PHE A 177 -10.87 -4.71 0.86
N ILE A 178 -10.34 -5.52 -0.06
CA ILE A 178 -11.19 -6.21 -1.04
C ILE A 178 -11.92 -7.42 -0.40
N GLY A 179 -13.16 -7.65 -0.82
CA GLY A 179 -13.91 -8.82 -0.38
C GLY A 179 -13.83 -9.05 1.11
N ASN A 180 -13.48 -10.28 1.49
CA ASN A 180 -13.32 -10.64 2.90
C ASN A 180 -11.85 -10.75 3.31
N SER A 181 -10.98 -10.01 2.62
CA SER A 181 -9.54 -10.07 2.89
C SER A 181 -9.17 -9.59 4.29
N LYS A 182 -10.00 -8.72 4.87
CA LYS A 182 -9.76 -8.19 6.20
C LYS A 182 -10.11 -9.25 7.25
N SER A 183 -11.27 -9.87 7.07
CA SER A 183 -11.67 -11.03 7.86
C SER A 183 -10.55 -12.07 7.84
N GLN A 184 -10.13 -12.42 6.63
CA GLN A 184 -9.03 -13.36 6.38
C GLN A 184 -7.74 -13.04 7.15
N LEU A 185 -7.39 -11.75 7.22
CA LEU A 185 -6.17 -11.32 7.89
C LEU A 185 -6.26 -11.51 9.41
N LEU A 186 -7.42 -11.16 9.96
CA LEU A 186 -7.67 -11.30 11.39
C LEU A 186 -7.63 -12.77 11.80
N TYR A 187 -8.18 -13.63 10.94
CA TYR A 187 -8.06 -15.07 11.08
C TYR A 187 -6.58 -15.48 11.22
N ALA A 188 -5.75 -14.98 10.32
CA ALA A 188 -4.31 -15.28 10.32
C ALA A 188 -3.61 -14.81 11.60
N LEU A 189 -4.00 -13.63 12.09
CA LEU A 189 -3.43 -13.04 13.30
C LEU A 189 -3.70 -13.91 14.52
N ARG A 190 -4.92 -14.46 14.58
CA ARG A 190 -5.29 -15.44 15.58
C ARG A 190 -4.61 -16.78 15.32
N SER A 191 -4.74 -17.26 14.08
CA SER A 191 -4.22 -18.57 13.65
C SER A 191 -2.73 -18.73 13.93
N LEU A 192 -1.95 -17.71 13.56
CA LEU A 192 -0.50 -17.71 13.82
C LEU A 192 -0.17 -17.29 15.25
N LYS A 193 -1.22 -17.19 16.09
CA LYS A 193 -1.11 -16.81 17.50
C LYS A 193 -0.29 -15.53 17.71
N LEU A 194 -0.57 -14.51 16.90
CA LEU A 194 0.09 -13.21 17.04
C LEU A 194 -0.68 -12.31 17.98
N LEU A 195 -1.99 -12.47 17.98
CA LEU A 195 -2.88 -11.73 18.89
C LEU A 195 -3.96 -12.67 19.39
N ARG A 196 -4.29 -12.54 20.67
CA ARG A 196 -5.44 -13.25 21.23
C ARG A 196 -6.72 -12.61 20.72
N GLU A 197 -7.86 -13.24 21.02
CA GLU A 197 -9.16 -12.77 20.55
C GLU A 197 -9.53 -11.39 21.13
N ASP A 198 -9.28 -11.21 22.42
CA ASP A 198 -9.51 -9.93 23.09
C ASP A 198 -8.60 -8.83 22.54
N GLN A 199 -7.36 -9.19 22.24
CA GLN A 199 -6.40 -8.28 21.61
C GLN A 199 -6.87 -7.86 20.23
N ILE A 200 -7.36 -8.82 19.45
CA ILE A 200 -7.99 -8.55 18.15
C ILE A 200 -9.23 -7.67 18.31
N GLN A 201 -10.03 -7.93 19.33
CA GLN A 201 -11.24 -7.16 19.59
C GLN A 201 -10.88 -5.74 20.03
N GLU A 202 -9.72 -5.60 20.67
CA GLU A 202 -9.24 -4.31 21.13
C GLU A 202 -8.78 -3.42 19.96
N VAL A 203 -8.10 -4.01 18.98
CA VAL A 203 -7.65 -3.24 17.84
C VAL A 203 -8.80 -2.86 16.91
N LEU A 204 -9.84 -3.69 16.86
CA LEU A 204 -10.99 -3.42 16.01
C LEU A 204 -11.82 -2.25 16.52
N LYS A 205 -12.02 -2.21 17.84
CA LYS A 205 -12.72 -1.09 18.48
C LYS A 205 -11.89 0.21 18.35
N ALA A 206 -10.60 0.12 18.69
CA ALA A 206 -9.66 1.23 18.55
C ALA A 206 -9.57 1.72 17.10
N SER A 207 -9.66 0.77 16.17
CA SER A 207 -9.69 1.07 14.74
C SER A 207 -10.95 1.84 14.35
N HIS A 208 -12.10 1.32 14.78
CA HIS A 208 -13.41 1.88 14.42
C HIS A 208 -13.78 3.12 15.23
N ARG A 209 -12.98 3.43 16.25
CA ARG A 209 -13.13 4.69 16.98
C ARG A 209 -12.33 5.80 16.29
N PRO B 18 -5.59 21.96 8.04
CA PRO B 18 -4.50 22.91 7.87
C PRO B 18 -4.95 24.21 7.20
N ARG B 19 -4.01 25.15 7.10
CA ARG B 19 -4.27 26.48 6.53
C ARG B 19 -3.19 26.76 5.48
N ASN B 20 -3.58 27.36 4.36
CA ASN B 20 -2.62 27.74 3.32
C ASN B 20 -1.69 28.85 3.78
N ILE B 21 -0.42 28.74 3.45
CA ILE B 21 0.59 29.79 3.73
C ILE B 21 1.64 29.78 2.62
N SER B 22 2.21 30.95 2.34
CA SER B 22 3.29 31.03 1.37
C SER B 22 4.60 30.48 1.97
N ARG B 23 5.49 30.03 1.09
CA ARG B 23 6.79 29.49 1.50
C ARG B 23 7.56 30.50 2.34
N GLU B 24 7.66 31.73 1.82
CA GLU B 24 8.44 32.80 2.44
C GLU B 24 7.89 33.18 3.81
N GLU B 25 6.57 33.18 3.94
CA GLU B 25 5.91 33.49 5.19
C GLU B 25 6.14 32.40 6.22
N SER B 26 5.98 31.14 5.79
CA SER B 26 6.18 29.97 6.67
C SER B 26 7.62 29.89 7.18
N LEU B 27 8.57 30.31 6.35
CA LEU B 27 9.99 30.31 6.71
C LEU B 27 10.40 31.46 7.64
N GLN B 28 9.56 32.48 7.78
CA GLN B 28 9.81 33.56 8.74
C GLN B 28 9.25 33.22 10.13
N LEU B 29 8.44 32.16 10.22
CA LEU B 29 7.82 31.76 11.49
C LEU B 29 8.84 31.23 12.49
N GLU B 30 8.53 31.41 13.78
CA GLU B 30 9.37 30.90 14.86
C GLU B 30 8.62 29.82 15.65
N GLY B 31 9.36 28.82 16.12
CA GLY B 31 8.81 27.76 16.96
C GLY B 31 7.88 26.80 16.25
N TYR B 32 7.95 26.77 14.92
CA TYR B 32 7.21 25.80 14.12
C TYR B 32 8.11 24.66 13.65
N LYS B 33 7.57 23.45 13.64
CA LYS B 33 8.25 22.32 13.05
C LYS B 33 7.89 22.27 11.57
N HIS B 34 8.87 21.91 10.73
CA HIS B 34 8.65 21.84 9.29
C HIS B 34 8.85 20.40 8.80
N ALA B 35 8.09 20.04 7.77
CA ALA B 35 8.22 18.75 7.11
C ALA B 35 8.06 18.96 5.62
N CYS B 36 8.82 18.20 4.84
CA CYS B 36 8.69 18.24 3.40
C CYS B 36 8.30 16.85 2.89
N HIS B 37 7.38 16.83 1.92
CA HIS B 37 6.91 15.59 1.28
C HIS B 37 6.78 15.79 -0.24
N ALA B 38 7.01 14.74 -1.00
CA ALA B 38 7.10 14.84 -2.46
C ALA B 38 6.25 13.80 -3.18
N LEU B 39 5.59 14.23 -4.26
CA LEU B 39 4.98 13.34 -5.22
C LEU B 39 5.92 13.21 -6.40
N LEU B 40 6.47 12.01 -6.59
CA LEU B 40 7.27 11.68 -7.75
C LEU B 40 6.36 10.96 -8.75
N HIS B 41 6.45 11.34 -10.01
CA HIS B 41 5.53 10.81 -11.03
C HIS B 41 6.18 10.80 -12.41
N ALA B 42 5.70 9.89 -13.27
CA ALA B 42 6.18 9.77 -14.66
C ALA B 42 5.03 9.34 -15.56
N PRO B 43 5.07 9.75 -16.86
CA PRO B 43 4.01 9.29 -17.74
C PRO B 43 4.17 7.81 -18.10
N SER B 44 3.06 7.13 -18.33
CA SER B 44 3.10 5.73 -18.74
C SER B 44 2.22 5.48 -19.93
N GLN B 45 2.71 4.67 -20.88
CA GLN B 45 1.91 4.22 -22.02
C GLN B 45 1.14 2.94 -21.71
N ALA B 46 1.28 2.41 -20.50
CA ALA B 46 0.64 1.14 -20.12
C ALA B 46 -0.88 1.23 -20.01
N LYS B 47 -1.54 0.11 -20.25
CA LYS B 47 -2.99 0.01 -20.16
C LYS B 47 -3.40 -1.23 -19.37
N LEU B 48 -4.08 -1.00 -18.25
CA LEU B 48 -4.60 -2.09 -17.44
C LEU B 48 -5.61 -2.90 -18.25
N PHE B 49 -5.44 -4.23 -18.24
CA PHE B 49 -6.25 -5.15 -19.03
C PHE B 49 -6.21 -4.80 -20.51
N ASP B 50 -5.08 -4.23 -20.96
CA ASP B 50 -4.87 -3.74 -22.34
C ASP B 50 -5.88 -2.70 -22.84
N ARG B 51 -6.70 -2.14 -21.95
CA ARG B 51 -7.76 -1.22 -22.35
C ARG B 51 -7.85 0.06 -21.51
N VAL B 52 -7.54 -0.06 -20.22
CA VAL B 52 -7.69 1.06 -19.29
C VAL B 52 -6.34 1.75 -19.05
N PRO B 53 -6.13 2.93 -19.66
CA PRO B 53 -4.83 3.59 -19.61
C PRO B 53 -4.39 3.96 -18.19
N ILE B 54 -3.16 3.59 -17.85
CA ILE B 54 -2.52 3.96 -16.58
C ILE B 54 -2.35 5.47 -16.53
N ARG B 55 -1.98 6.04 -17.68
CA ARG B 55 -1.70 7.47 -17.91
C ARG B 55 -0.38 7.93 -17.28
N ARG B 56 -0.25 7.74 -15.98
CA ARG B 56 0.87 8.25 -15.23
C ARG B 56 1.11 7.44 -13.98
N VAL B 57 2.38 7.21 -13.65
CA VAL B 57 2.74 6.56 -12.39
C VAL B 57 2.95 7.60 -11.29
N LEU B 58 2.16 7.50 -10.22
CA LEU B 58 2.26 8.38 -9.07
C LEU B 58 2.63 7.57 -7.83
N LEU B 59 3.74 7.89 -7.18
CA LEU B 59 4.22 7.13 -6.00
C LEU B 59 3.73 7.62 -4.65
N MET B 60 3.14 6.70 -3.90
CA MET B 60 2.90 6.90 -2.47
C MET B 60 3.46 5.71 -1.69
N MET B 61 3.29 5.71 -0.38
CA MET B 61 3.75 4.59 0.43
C MET B 61 2.79 4.23 1.54
N MET B 62 2.84 2.97 1.97
CA MET B 62 2.30 2.54 3.25
C MET B 62 3.37 2.86 4.30
N ARG B 63 2.96 3.56 5.37
CA ARG B 63 3.86 3.99 6.43
C ARG B 63 3.85 2.98 7.56
N PHE B 64 4.83 3.08 8.47
CA PHE B 64 4.90 2.30 9.70
C PHE B 64 3.62 2.37 10.53
N ASP B 65 2.90 3.49 10.41
CA ASP B 65 1.70 3.72 11.23
C ASP B 65 0.41 3.17 10.60
N GLY B 66 0.55 2.51 9.47
CA GLY B 66 -0.60 1.87 8.82
C GLY B 66 -1.41 2.82 7.97
N ARG B 67 -0.88 4.00 7.70
CA ARG B 67 -1.55 4.98 6.85
C ARG B 67 -0.74 5.21 5.58
N LEU B 68 -1.42 5.62 4.51
CA LEU B 68 -0.73 6.00 3.26
C LEU B 68 -0.20 7.42 3.34
N GLY B 69 0.90 7.68 2.64
CA GLY B 69 1.45 9.01 2.56
C GLY B 69 2.45 9.14 1.44
N PHE B 70 3.05 10.32 1.35
CA PHE B 70 4.08 10.66 0.38
C PHE B 70 5.44 10.54 1.06
N PRO B 71 6.48 10.17 0.31
CA PRO B 71 7.80 10.15 0.92
C PRO B 71 8.27 11.55 1.36
N GLY B 72 9.03 11.60 2.46
CA GLY B 72 9.55 12.86 2.99
C GLY B 72 9.57 12.85 4.51
N GLY B 73 9.75 14.02 5.14
CA GLY B 73 9.76 14.07 6.60
C GLY B 73 10.22 15.41 7.15
N PHE B 74 10.51 15.43 8.45
CA PHE B 74 10.89 16.65 9.16
C PHE B 74 12.22 17.24 8.72
N VAL B 75 12.29 18.56 8.76
CA VAL B 75 13.47 19.31 8.33
C VAL B 75 13.71 20.40 9.35
N ASP B 76 14.92 20.42 9.91
CA ASP B 76 15.32 21.54 10.73
C ASP B 76 15.92 22.65 9.86
N THR B 77 15.12 23.68 9.62
CA THR B 77 15.51 24.77 8.73
C THR B 77 16.56 25.74 9.27
N ARG B 78 17.00 25.54 10.51
CA ARG B 78 18.12 26.28 11.07
C ARG B 78 19.44 25.60 10.71
N ASP B 79 19.35 24.33 10.34
CA ASP B 79 20.51 23.52 9.97
C ASP B 79 20.65 23.42 8.45
N ILE B 80 19.58 22.95 7.80
CA ILE B 80 19.60 22.68 6.36
C ILE B 80 18.36 23.25 5.68
N SER B 81 18.47 23.52 4.38
CA SER B 81 17.37 24.06 3.59
C SER B 81 16.23 23.05 3.49
N LEU B 82 15.05 23.53 3.10
CA LEU B 82 13.91 22.63 2.87
C LEU B 82 14.24 21.54 1.85
N GLU B 83 15.00 21.91 0.81
CA GLU B 83 15.39 20.99 -0.27
C GLU B 83 16.41 19.95 0.18
N GLU B 84 17.38 20.37 0.97
CA GLU B 84 18.37 19.46 1.48
C GLU B 84 17.73 18.45 2.46
N GLY B 85 16.84 18.94 3.31
CA GLY B 85 16.13 18.09 4.25
C GLY B 85 15.26 17.06 3.53
N LEU B 86 14.52 17.51 2.53
CA LEU B 86 13.74 16.60 1.68
C LEU B 86 14.64 15.56 1.00
N LYS B 87 15.75 16.00 0.43
CA LYS B 87 16.70 15.09 -0.21
C LYS B 87 17.15 13.96 0.72
N ARG B 88 17.55 14.31 1.94
CA ARG B 88 18.03 13.33 2.91
C ARG B 88 16.92 12.36 3.28
N GLU B 89 15.72 12.89 3.40
CA GLU B 89 14.59 12.09 3.81
C GLU B 89 14.12 11.16 2.69
N LEU B 90 14.25 11.61 1.45
CA LEU B 90 13.90 10.81 0.27
C LEU B 90 14.88 9.67 0.06
N GLU B 91 16.16 9.89 0.36
CA GLU B 91 17.12 8.81 0.27
C GLU B 91 16.90 7.73 1.33
N GLU B 92 16.61 8.15 2.57
CA GLU B 92 16.32 7.23 3.67
C GLU B 92 15.13 6.33 3.36
N GLU B 93 14.07 6.94 2.82
CA GLU B 93 12.78 6.28 2.69
C GLU B 93 12.61 5.56 1.39
N LEU B 94 13.16 6.14 0.32
CA LEU B 94 12.99 5.60 -1.02
C LEU B 94 14.21 4.83 -1.52
N GLY B 95 15.39 5.16 -1.01
CA GLY B 95 16.58 4.37 -1.30
C GLY B 95 17.63 5.00 -2.20
N PRO B 96 18.62 4.18 -2.61
CA PRO B 96 19.83 4.65 -3.29
C PRO B 96 19.56 5.40 -4.60
N ALA B 97 18.56 4.94 -5.36
CA ALA B 97 18.24 5.51 -6.67
C ALA B 97 17.98 7.03 -6.64
N LEU B 98 17.71 7.57 -5.46
CA LEU B 98 17.35 8.99 -5.32
C LEU B 98 18.55 9.90 -5.37
N ALA B 99 19.74 9.34 -5.17
CA ALA B 99 20.99 10.10 -5.32
C ALA B 99 21.16 10.63 -6.74
N THR B 100 20.36 10.10 -7.67
CA THR B 100 20.36 10.55 -9.06
C THR B 100 19.19 11.52 -9.32
N VAL B 101 18.47 11.87 -8.26
CA VAL B 101 17.31 12.75 -8.40
C VAL B 101 17.55 14.05 -7.66
N GLU B 102 17.24 15.16 -8.32
CA GLU B 102 17.40 16.49 -7.75
C GLU B 102 16.04 17.17 -7.63
N VAL B 103 15.37 17.01 -6.49
CA VAL B 103 14.14 17.74 -6.22
C VAL B 103 14.56 19.10 -5.68
N THR B 104 14.32 20.16 -6.46
CA THR B 104 14.78 21.54 -6.16
C THR B 104 13.63 22.50 -5.74
N GLU B 105 13.94 23.79 -5.62
CA GLU B 105 12.97 24.83 -5.31
C GLU B 105 11.92 24.96 -6.40
N ASP B 106 12.31 24.62 -7.63
CA ASP B 106 11.39 24.64 -8.78
C ASP B 106 10.29 23.59 -8.65
N ASP B 107 10.54 22.58 -7.84
CA ASP B 107 9.60 21.47 -7.64
C ASP B 107 8.63 21.71 -6.48
N TYR B 108 8.93 22.73 -5.68
CA TYR B 108 8.09 23.19 -4.57
C TYR B 108 6.72 23.66 -5.07
N ARG B 109 5.66 23.27 -4.37
CA ARG B 109 4.32 23.66 -4.81
C ARG B 109 3.54 24.49 -3.78
N SER B 110 3.42 23.96 -2.56
CA SER B 110 2.57 24.59 -1.56
C SER B 110 3.03 24.27 -0.15
N SER B 111 2.57 25.09 0.79
CA SER B 111 2.85 24.96 2.21
C SER B 111 1.54 25.14 2.93
N GLN B 112 1.32 24.36 3.98
CA GLN B 112 0.16 24.53 4.83
C GLN B 112 0.61 24.59 6.28
N VAL B 113 -0.13 25.33 7.11
CA VAL B 113 0.25 25.52 8.50
C VAL B 113 -0.90 25.18 9.45
N ARG B 114 -0.54 24.58 10.59
CA ARG B 114 -1.47 24.28 11.67
C ARG B 114 -0.80 24.58 13.01
N GLU B 115 -1.62 24.74 14.05
CA GLU B 115 -1.11 25.00 15.40
C GLU B 115 -1.49 23.90 16.39
N HIS B 116 -2.48 23.09 16.02
CA HIS B 116 -2.98 22.02 16.87
C HIS B 116 -3.01 20.71 16.09
N PRO B 117 -2.53 19.61 16.71
CA PRO B 117 -2.04 19.46 18.09
C PRO B 117 -0.75 20.22 18.37
N GLN B 118 0.07 20.39 17.34
CA GLN B 118 1.36 21.08 17.45
C GLN B 118 1.58 22.01 16.26
N LYS B 119 2.41 23.03 16.47
CA LYS B 119 2.79 23.99 15.45
C LYS B 119 3.62 23.33 14.34
N CYS B 120 2.99 23.06 13.21
CA CYS B 120 3.65 22.36 12.10
C CYS B 120 3.34 23.01 10.75
N VAL B 121 4.38 23.17 9.93
CA VAL B 121 4.22 23.58 8.54
C VAL B 121 4.59 22.40 7.64
N THR B 122 3.74 22.10 6.67
CA THR B 122 4.01 21.03 5.74
C THR B 122 4.20 21.58 4.32
N HIS B 123 5.31 21.19 3.71
CA HIS B 123 5.63 21.63 2.38
C HIS B 123 5.45 20.46 1.42
N PHE B 124 4.94 20.76 0.23
CA PHE B 124 4.61 19.73 -0.75
C PHE B 124 5.31 20.05 -2.05
N TYR B 125 5.99 19.03 -2.58
CA TYR B 125 6.76 19.09 -3.79
C TYR B 125 6.15 18.13 -4.81
N ILE B 126 6.23 18.50 -6.08
CA ILE B 126 5.82 17.64 -7.18
C ILE B 126 6.96 17.62 -8.19
N LYS B 127 7.44 16.43 -8.53
CA LYS B 127 8.53 16.29 -9.49
C LYS B 127 8.29 15.21 -10.54
N GLU B 128 8.28 15.60 -11.81
CA GLU B 128 8.16 14.65 -12.91
C GLU B 128 9.48 13.95 -13.19
N LEU B 129 9.42 12.65 -13.42
CA LEU B 129 10.60 11.88 -13.79
C LEU B 129 10.34 11.13 -15.08
N LYS B 130 11.39 10.57 -15.67
CA LYS B 130 11.22 9.64 -16.78
C LYS B 130 10.68 8.32 -16.23
N LEU B 131 9.91 7.58 -17.02
CA LEU B 131 9.39 6.29 -16.57
C LEU B 131 10.49 5.37 -16.02
N GLU B 132 11.55 5.16 -16.80
CA GLU B 132 12.68 4.34 -16.32
C GLU B 132 13.21 4.76 -14.94
N GLU B 133 13.05 6.05 -14.59
CA GLU B 133 13.58 6.58 -13.33
C GLU B 133 12.73 6.15 -12.15
N ILE B 134 11.41 6.23 -12.32
CA ILE B 134 10.47 5.77 -11.31
C ILE B 134 10.58 4.26 -11.12
N GLU B 135 10.78 3.54 -12.22
CA GLU B 135 10.93 2.09 -12.19
C GLU B 135 12.17 1.66 -11.42
N ARG B 136 13.27 2.39 -11.60
CA ARG B 136 14.49 2.14 -10.84
C ARG B 136 14.31 2.43 -9.33
N ILE B 137 13.57 3.49 -9.03
CA ILE B 137 13.26 3.83 -7.63
C ILE B 137 12.50 2.70 -6.93
N GLU B 138 11.45 2.18 -7.55
CA GLU B 138 10.68 1.05 -6.99
C GLU B 138 11.54 -0.19 -6.81
N ALA B 139 12.44 -0.44 -7.76
CA ALA B 139 13.30 -1.62 -7.77
C ALA B 139 14.34 -1.59 -6.66
N GLU B 140 14.78 -0.39 -6.29
CA GLU B 140 15.80 -0.23 -5.26
C GLU B 140 15.23 0.22 -3.93
N ALA B 141 13.93 0.48 -3.89
CA ALA B 141 13.27 0.92 -2.66
C ALA B 141 13.46 -0.09 -1.55
N VAL B 142 13.44 -1.38 -1.90
CA VAL B 142 13.68 -2.46 -0.95
C VAL B 142 15.04 -2.34 -0.22
N ASN B 143 15.96 -1.60 -0.82
CA ASN B 143 17.29 -1.38 -0.26
C ASN B 143 17.40 -0.11 0.58
N ALA B 144 16.33 0.69 0.60
CA ALA B 144 16.29 1.91 1.42
C ALA B 144 16.61 1.60 2.88
N LYS B 145 17.19 2.55 3.60
CA LYS B 145 17.42 2.40 5.03
C LYS B 145 16.13 2.08 5.82
N ASP B 146 15.04 2.71 5.41
CA ASP B 146 13.75 2.61 6.12
C ASP B 146 12.77 1.58 5.59
N HIS B 147 13.19 0.75 4.64
CA HIS B 147 12.30 -0.30 4.13
C HIS B 147 12.03 -1.33 5.22
N GLY B 148 10.76 -1.69 5.38
CA GLY B 148 10.33 -2.63 6.42
C GLY B 148 10.31 -2.01 7.80
N LEU B 149 10.58 -0.70 7.86
CA LEU B 149 10.55 0.06 9.12
C LEU B 149 9.62 1.27 8.98
N GLU B 150 10.15 2.49 8.85
CA GLU B 150 9.28 3.65 8.59
C GLU B 150 8.44 3.45 7.33
N VAL B 151 9.00 2.74 6.35
CA VAL B 151 8.31 2.51 5.07
C VAL B 151 7.97 1.03 4.89
N MET B 152 6.67 0.74 4.84
CA MET B 152 6.17 -0.65 4.77
C MET B 152 5.95 -1.12 3.32
N GLY B 153 6.10 -0.21 2.37
CA GLY B 153 6.06 -0.54 0.94
C GLY B 153 5.64 0.67 0.11
N LEU B 154 6.11 0.72 -1.13
CA LEU B 154 5.70 1.74 -2.09
C LEU B 154 4.54 1.25 -2.94
N ILE B 155 3.62 2.16 -3.25
CA ILE B 155 2.46 1.82 -4.07
C ILE B 155 2.28 2.87 -5.18
N ARG B 156 1.66 2.46 -6.29
CA ARG B 156 1.24 3.38 -7.36
C ARG B 156 -0.22 3.76 -7.12
N VAL B 157 -0.54 5.02 -7.39
CA VAL B 157 -1.91 5.53 -7.28
C VAL B 157 -2.69 5.25 -8.58
N PRO B 158 -3.77 4.44 -8.51
CA PRO B 158 -4.63 4.27 -9.68
C PRO B 158 -5.42 5.54 -10.01
N LEU B 159 -5.29 6.02 -11.25
CA LEU B 159 -5.89 7.28 -11.71
C LEU B 159 -7.22 7.12 -12.41
N TYR B 160 -7.44 5.91 -12.95
CA TYR B 160 -8.66 5.58 -13.65
C TYR B 160 -9.80 5.28 -12.68
N THR B 161 -11.03 5.31 -13.19
CA THR B 161 -12.18 4.71 -12.52
C THR B 161 -12.64 3.54 -13.39
N LEU B 162 -12.94 2.41 -12.77
CA LEU B 162 -13.31 1.20 -13.49
C LEU B 162 -14.80 1.24 -13.86
N ARG B 163 -15.29 0.23 -14.57
CA ARG B 163 -16.65 0.25 -15.12
C ARG B 163 -17.71 0.35 -14.03
N ASP B 164 -17.46 -0.28 -12.89
CA ASP B 164 -18.39 -0.24 -11.75
C ASP B 164 -18.53 1.16 -11.11
N ARG B 165 -17.74 2.11 -11.60
CA ARG B 165 -17.76 3.50 -11.16
C ARG B 165 -17.18 3.73 -9.77
N VAL B 166 -16.48 2.72 -9.22
CA VAL B 166 -15.91 2.79 -7.87
C VAL B 166 -14.46 2.31 -7.81
N GLY B 167 -14.17 1.21 -8.51
CA GLY B 167 -12.84 0.63 -8.50
C GLY B 167 -11.86 1.62 -9.09
N GLY B 168 -10.61 1.57 -8.61
CA GLY B 168 -9.59 2.51 -9.04
C GLY B 168 -9.50 3.65 -8.05
N LEU B 169 -9.42 4.88 -8.59
CA LEU B 169 -9.22 6.08 -7.77
C LEU B 169 -10.28 6.31 -6.67
N PRO B 170 -11.59 6.16 -6.98
CA PRO B 170 -12.53 6.43 -5.87
C PRO B 170 -12.32 5.48 -4.69
N ALA B 171 -12.13 4.18 -4.96
CA ALA B 171 -11.89 3.19 -3.93
C ALA B 171 -10.57 3.47 -3.21
N PHE B 172 -9.54 3.80 -4.00
CA PHE B 172 -8.24 4.22 -3.46
C PHE B 172 -8.40 5.30 -2.39
N LEU B 173 -9.32 6.24 -2.61
CA LEU B 173 -9.47 7.40 -1.73
C LEU B 173 -10.16 7.09 -0.40
N CYS B 174 -10.61 5.85 -0.26
CA CYS B 174 -11.20 5.38 0.98
C CYS B 174 -10.14 4.74 1.90
N ASN B 175 -8.91 4.63 1.42
CA ASN B 175 -7.82 4.19 2.31
C ASN B 175 -7.48 5.25 3.36
N ASN B 176 -6.58 4.90 4.26
CA ASN B 176 -6.29 5.74 5.42
C ASN B 176 -5.05 6.58 5.14
N PHE B 177 -5.21 7.89 5.06
CA PHE B 177 -4.13 8.78 4.66
C PHE B 177 -3.65 9.61 5.85
N ILE B 178 -2.34 9.85 5.93
CA ILE B 178 -1.80 10.62 7.06
C ILE B 178 -1.93 12.12 6.79
N GLY B 179 -2.27 12.88 7.83
CA GLY B 179 -2.29 14.34 7.79
C GLY B 179 -3.15 14.89 6.68
N ASN B 180 -2.55 15.74 5.84
CA ASN B 180 -3.25 16.33 4.72
C ASN B 180 -2.83 15.71 3.40
N SER B 181 -2.34 14.47 3.43
CA SER B 181 -1.84 13.83 2.24
C SER B 181 -2.94 13.57 1.20
N LYS B 182 -4.18 13.35 1.63
CA LYS B 182 -5.23 13.14 0.65
C LYS B 182 -5.47 14.43 -0.14
N SER B 183 -5.59 15.53 0.59
CA SER B 183 -5.75 16.85 0.02
C SER B 183 -4.60 17.25 -0.90
N GLN B 184 -3.38 16.87 -0.54
CA GLN B 184 -2.22 17.11 -1.38
C GLN B 184 -2.32 16.30 -2.66
N LEU B 185 -2.80 15.06 -2.54
CA LEU B 185 -2.98 14.21 -3.73
C LEU B 185 -3.99 14.84 -4.68
N LEU B 186 -5.13 15.26 -4.13
CA LEU B 186 -6.19 15.88 -4.91
C LEU B 186 -5.71 17.18 -5.55
N TYR B 187 -4.84 17.91 -4.85
CA TYR B 187 -4.20 19.09 -5.40
C TYR B 187 -3.32 18.74 -6.61
N ALA B 188 -2.52 17.68 -6.50
CA ALA B 188 -1.66 17.26 -7.61
C ALA B 188 -2.45 16.84 -8.84
N LEU B 189 -3.56 16.14 -8.65
CA LEU B 189 -4.40 15.66 -9.74
C LEU B 189 -4.98 16.83 -10.54
N ARG B 190 -5.40 17.88 -9.84
CA ARG B 190 -5.91 19.09 -10.46
C ARG B 190 -4.75 19.86 -11.10
N SER B 191 -3.68 20.05 -10.32
CA SER B 191 -2.47 20.75 -10.76
C SER B 191 -1.86 20.14 -12.03
N LEU B 192 -1.72 18.82 -12.05
CA LEU B 192 -1.19 18.10 -13.21
C LEU B 192 -2.20 17.96 -14.35
N LYS B 193 -3.39 18.53 -14.16
CA LYS B 193 -4.48 18.50 -15.14
C LYS B 193 -4.86 17.08 -15.52
N LEU B 194 -4.81 16.19 -14.53
CA LEU B 194 -5.14 14.78 -14.73
C LEU B 194 -6.64 14.62 -14.67
N LEU B 195 -7.25 15.35 -13.76
CA LEU B 195 -8.69 15.33 -13.55
C LEU B 195 -9.22 16.75 -13.50
N ARG B 196 -10.36 16.96 -14.16
CA ARG B 196 -11.09 18.22 -14.07
C ARG B 196 -11.69 18.35 -12.69
N GLU B 197 -12.14 19.56 -12.34
CA GLU B 197 -12.76 19.78 -11.04
C GLU B 197 -14.01 18.92 -10.87
N ASP B 198 -14.84 18.84 -11.90
CA ASP B 198 -16.04 17.99 -11.85
C ASP B 198 -15.69 16.52 -11.66
N GLN B 199 -14.63 16.08 -12.34
CA GLN B 199 -14.12 14.72 -12.22
C GLN B 199 -13.62 14.41 -10.81
N ILE B 200 -12.99 15.38 -10.17
CA ILE B 200 -12.54 15.24 -8.78
C ILE B 200 -13.73 15.10 -7.82
N GLN B 201 -14.76 15.89 -8.06
CA GLN B 201 -15.97 15.83 -7.25
C GLN B 201 -16.70 14.50 -7.44
N GLU B 202 -16.74 14.02 -8.68
CA GLU B 202 -17.35 12.73 -9.00
C GLU B 202 -16.61 11.59 -8.29
N VAL B 203 -15.29 11.63 -8.35
CA VAL B 203 -14.44 10.65 -7.68
C VAL B 203 -14.66 10.65 -6.15
N LEU B 204 -14.86 11.84 -5.57
CA LEU B 204 -15.10 11.97 -4.13
C LEU B 204 -16.50 11.52 -3.70
N LYS B 205 -17.50 11.80 -4.54
CA LYS B 205 -18.86 11.29 -4.35
C LYS B 205 -18.90 9.76 -4.39
N ALA B 206 -18.32 9.17 -5.43
CA ALA B 206 -18.34 7.71 -5.61
C ALA B 206 -17.59 7.02 -4.48
N SER B 207 -16.55 7.69 -3.98
CA SER B 207 -15.74 7.23 -2.86
C SER B 207 -16.52 7.22 -1.55
N HIS B 208 -17.39 8.21 -1.37
CA HIS B 208 -18.11 8.36 -0.10
C HIS B 208 -19.48 7.69 -0.14
#